data_6BS9
#
_entry.id   6BS9
#
_cell.length_a   74.540
_cell.length_b   82.000
_cell.length_c   84.750
_cell.angle_alpha   90.000
_cell.angle_beta   90.000
_cell.angle_gamma   90.000
#
_symmetry.space_group_name_H-M   'P 21 2 21'
#
loop_
_entity.id
_entity.type
_entity.pdbx_description
1 polymer 'Stage III sporulation protein AB'
2 non-polymer 'SULFATE ION'
3 water water
#
_entity_poly.entity_id   1
_entity_poly.type   'polypeptide(L)'
_entity_poly.pdbx_seq_one_letter_code
;GSHMERPRQIRQLRAALQSLEAEIMYGHTPLHTASQQIAKQLAQPVSTLFSAFSDQLDKGSDSAKTAWEQSLKKVWDTLS
LKKSEYEVLKQFGETLGIHDRISQQKHIKLALTHLEASEADAEQAQAKNE
;
_entity_poly.pdbx_strand_id   A,B,C,D
#
# COMPACT_ATOMS: atom_id res chain seq x y z
N GLY A 1 27.72 7.59 10.64
CA GLY A 1 27.00 8.17 11.83
C GLY A 1 25.59 7.59 11.96
N SER A 2 25.29 7.03 13.15
CA SER A 2 24.16 6.11 13.32
C SER A 2 22.83 6.73 13.11
N HIS A 3 22.52 7.92 13.62
CA HIS A 3 21.25 8.63 13.26
C HIS A 3 21.02 8.85 11.77
N MET A 4 22.14 9.10 11.08
CA MET A 4 22.16 9.30 9.63
C MET A 4 22.08 8.00 8.86
N GLU A 5 22.73 6.95 9.35
CA GLU A 5 22.83 5.72 8.56
C GLU A 5 21.53 4.92 8.65
N ARG A 6 20.87 4.97 9.81
CA ARG A 6 19.71 4.13 10.06
C ARG A 6 18.54 4.26 9.03
N PRO A 7 18.07 5.48 8.75
CA PRO A 7 17.03 5.64 7.73
C PRO A 7 17.42 5.13 6.38
N ARG A 8 18.67 5.41 5.98
CA ARG A 8 19.20 4.96 4.71
C ARG A 8 19.20 3.41 4.64
N GLN A 9 19.54 2.74 5.73
CA GLN A 9 19.61 1.30 5.69
C GLN A 9 18.21 0.69 5.70
N ILE A 10 17.27 1.34 6.39
CA ILE A 10 15.88 0.90 6.33
C ILE A 10 15.33 1.03 4.94
N ARG A 11 15.68 2.11 4.28
CA ARG A 11 15.19 2.36 2.94
C ARG A 11 15.66 1.29 1.99
N GLN A 12 16.94 0.95 2.10
CA GLN A 12 17.54 -0.16 1.33
C GLN A 12 16.87 -1.50 1.60
N LEU A 13 16.57 -1.79 2.90
CA LEU A 13 15.88 -3.02 3.26
C LEU A 13 14.46 -3.09 2.65
N ARG A 14 13.75 -1.98 2.67
N ARG A 14 13.75 -1.96 2.67
CA ARG A 14 12.41 -1.89 2.05
CA ARG A 14 12.42 -1.92 2.04
C ARG A 14 12.50 -2.18 0.54
C ARG A 14 12.51 -2.20 0.54
N ALA A 15 13.54 -1.68 -0.13
CA ALA A 15 13.73 -1.94 -1.54
C ALA A 15 13.97 -3.43 -1.79
N ALA A 16 14.92 -3.98 -1.07
CA ALA A 16 15.33 -5.33 -1.26
C ALA A 16 14.19 -6.30 -0.92
N LEU A 17 13.53 -6.09 0.24
CA LEU A 17 12.39 -6.95 0.59
C LEU A 17 11.18 -6.83 -0.33
N GLN A 18 10.95 -5.67 -0.89
CA GLN A 18 9.92 -5.57 -1.91
C GLN A 18 10.26 -6.47 -3.11
N SER A 19 11.52 -6.51 -3.49
CA SER A 19 11.94 -7.38 -4.62
C SER A 19 11.87 -8.83 -4.30
N LEU A 20 12.20 -9.18 -3.08
CA LEU A 20 12.07 -10.57 -2.71
C LEU A 20 10.62 -11.00 -2.58
N GLU A 21 9.76 -10.15 -1.99
CA GLU A 21 8.32 -10.43 -1.96
C GLU A 21 7.82 -10.78 -3.34
N ALA A 22 8.17 -10.00 -4.33
CA ALA A 22 7.69 -10.30 -5.69
C ALA A 22 8.14 -11.66 -6.18
N GLU A 23 9.40 -12.00 -5.90
CA GLU A 23 9.95 -13.29 -6.43
C GLU A 23 9.35 -14.48 -5.71
N ILE A 24 9.13 -14.33 -4.43
CA ILE A 24 8.44 -15.36 -3.67
C ILE A 24 7.04 -15.56 -4.25
N MET A 25 6.32 -14.46 -4.45
CA MET A 25 4.91 -14.50 -4.86
C MET A 25 4.68 -14.99 -6.29
N TYR A 26 5.48 -14.51 -7.22
CA TYR A 26 5.18 -14.76 -8.63
C TYR A 26 6.37 -14.91 -9.49
N GLY A 27 7.55 -14.85 -8.88
CA GLY A 27 8.79 -15.16 -9.50
C GLY A 27 9.05 -16.56 -9.92
N HIS A 28 9.82 -16.61 -10.97
CA HIS A 28 10.35 -17.84 -11.47
C HIS A 28 11.84 -17.93 -11.16
N THR A 29 12.30 -17.00 -10.37
CA THR A 29 13.67 -16.95 -9.98
C THR A 29 13.84 -17.73 -8.63
N PRO A 30 14.77 -18.70 -8.59
CA PRO A 30 15.08 -19.29 -7.27
C PRO A 30 15.53 -18.23 -6.26
N LEU A 31 15.05 -18.38 -5.04
CA LEU A 31 15.20 -17.38 -4.01
C LEU A 31 16.73 -17.05 -3.85
N HIS A 32 17.55 -18.08 -3.92
CA HIS A 32 18.99 -17.85 -3.77
C HIS A 32 19.56 -16.95 -4.86
N THR A 33 19.11 -17.13 -6.09
CA THR A 33 19.52 -16.27 -7.17
C THR A 33 18.94 -14.84 -6.99
N ALA A 34 17.68 -14.71 -6.64
CA ALA A 34 17.08 -13.40 -6.43
C ALA A 34 17.86 -12.61 -5.35
N SER A 35 18.19 -13.27 -4.27
CA SER A 35 18.89 -12.63 -3.18
C SER A 35 20.31 -12.22 -3.63
N GLN A 36 20.97 -13.08 -4.38
CA GLN A 36 22.31 -12.75 -4.84
C GLN A 36 22.24 -11.54 -5.80
N GLN A 37 21.23 -11.47 -6.66
CA GLN A 37 21.08 -10.33 -7.59
C GLN A 37 20.89 -9.02 -6.85
N ILE A 38 20.17 -9.07 -5.76
CA ILE A 38 20.03 -7.92 -4.92
C ILE A 38 21.32 -7.59 -4.23
N ALA A 39 21.97 -8.58 -3.65
CA ALA A 39 23.27 -8.33 -2.99
C ALA A 39 24.28 -7.57 -3.93
N LYS A 40 24.31 -7.93 -5.22
CA LYS A 40 25.26 -7.32 -6.17
C LYS A 40 25.00 -5.83 -6.37
N GLN A 41 23.78 -5.38 -6.12
CA GLN A 41 23.41 -4.01 -6.34
C GLN A 41 23.52 -3.09 -5.10
N LEU A 42 23.05 -3.60 -3.99
CA LEU A 42 23.12 -2.84 -2.74
C LEU A 42 24.53 -2.62 -2.19
N ALA A 43 24.68 -1.46 -1.59
CA ALA A 43 25.89 -1.09 -0.91
C ALA A 43 25.98 -1.85 0.39
N GLN A 44 27.21 -1.93 0.88
CA GLN A 44 27.49 -2.50 2.19
C GLN A 44 27.11 -1.50 3.24
N PRO A 45 26.72 -1.95 4.42
CA PRO A 45 26.75 -3.37 4.87
C PRO A 45 25.45 -4.18 4.61
N VAL A 46 24.36 -3.54 4.17
CA VAL A 46 23.11 -4.27 3.95
C VAL A 46 23.23 -5.35 2.90
N SER A 47 23.99 -5.07 1.85
CA SER A 47 24.33 -6.10 0.84
C SER A 47 24.71 -7.46 1.38
N THR A 48 25.49 -7.48 2.45
CA THR A 48 25.94 -8.74 3.05
C THR A 48 24.84 -9.60 3.69
N LEU A 49 23.77 -8.95 4.14
CA LEU A 49 22.61 -9.72 4.57
C LEU A 49 22.12 -10.61 3.43
N PHE A 50 22.08 -10.06 2.20
CA PHE A 50 21.49 -10.73 1.07
C PHE A 50 22.42 -11.73 0.42
N SER A 51 23.71 -11.45 0.43
CA SER A 51 24.68 -12.48 -0.04
C SER A 51 24.80 -13.63 0.96
N ALA A 52 24.83 -13.33 2.24
CA ALA A 52 24.77 -14.41 3.25
C ALA A 52 23.54 -15.28 3.15
N PHE A 53 22.37 -14.66 2.91
CA PHE A 53 21.12 -15.39 2.77
C PHE A 53 21.20 -16.31 1.56
N SER A 54 21.71 -15.78 0.46
CA SER A 54 21.91 -16.56 -0.78
C SER A 54 22.82 -17.75 -0.57
N ASP A 55 23.97 -17.54 0.05
CA ASP A 55 24.83 -18.66 0.41
C ASP A 55 24.09 -19.72 1.23
N GLN A 56 23.34 -19.30 2.24
CA GLN A 56 22.78 -20.26 3.22
C GLN A 56 21.76 -21.08 2.53
N LEU A 57 20.93 -20.44 1.72
CA LEU A 57 19.94 -21.15 0.94
C LEU A 57 20.54 -22.11 -0.05
N ASP A 58 21.56 -21.66 -0.77
CA ASP A 58 22.04 -22.44 -1.88
C ASP A 58 22.64 -23.78 -1.42
N LYS A 59 23.53 -23.68 -0.43
CA LYS A 59 24.30 -24.76 0.19
C LYS A 59 23.79 -24.88 1.60
N GLY A 60 22.71 -25.64 1.67
CA GLY A 60 21.84 -25.59 2.80
C GLY A 60 20.70 -26.59 2.54
N SER A 61 20.45 -27.37 3.57
CA SER A 61 19.24 -28.10 3.72
C SER A 61 18.25 -27.29 4.58
N ASP A 62 18.62 -26.05 4.90
CA ASP A 62 17.84 -25.15 5.73
C ASP A 62 16.59 -24.71 5.01
N SER A 63 15.49 -24.57 5.73
CA SER A 63 14.36 -23.74 5.25
C SER A 63 14.79 -22.29 5.01
N ALA A 64 14.04 -21.57 4.22
CA ALA A 64 14.33 -20.16 3.98
C ALA A 64 14.29 -19.37 5.27
N LYS A 65 13.36 -19.74 6.15
CA LYS A 65 13.23 -19.13 7.45
C LYS A 65 14.49 -19.29 8.25
N THR A 66 15.04 -20.51 8.29
CA THR A 66 16.21 -20.74 9.10
C THR A 66 17.39 -19.99 8.47
N ALA A 67 17.52 -20.05 7.14
CA ALA A 67 18.61 -19.36 6.44
C ALA A 67 18.57 -17.86 6.65
N TRP A 68 17.38 -17.31 6.67
CA TRP A 68 17.23 -15.90 6.97
C TRP A 68 17.67 -15.51 8.41
N GLU A 69 17.19 -16.26 9.39
CA GLU A 69 17.53 -16.01 10.79
C GLU A 69 19.02 -16.05 11.01
N GLN A 70 19.66 -17.08 10.47
CA GLN A 70 21.11 -17.25 10.57
C GLN A 70 21.85 -16.07 9.92
N SER A 71 21.41 -15.64 8.75
CA SER A 71 22.08 -14.55 8.07
C SER A 71 21.90 -13.26 8.79
N LEU A 72 20.73 -13.08 9.29
CA LEU A 72 20.46 -11.90 10.09
C LEU A 72 21.37 -11.74 11.33
N LYS A 73 21.53 -12.81 12.10
CA LYS A 73 22.38 -12.79 13.32
C LYS A 73 23.82 -12.57 12.97
N LYS A 74 24.24 -13.21 11.89
CA LYS A 74 25.60 -13.11 11.44
C LYS A 74 25.93 -11.65 11.08
N VAL A 75 25.01 -10.92 10.43
CA VAL A 75 25.38 -9.57 9.96
C VAL A 75 24.96 -8.49 10.91
N TRP A 76 24.11 -8.82 11.86
CA TRP A 76 23.46 -7.83 12.66
C TRP A 76 24.32 -6.71 13.18
N ASP A 77 25.47 -7.04 13.76
CA ASP A 77 26.32 -6.02 14.38
C ASP A 77 26.97 -5.08 13.37
N THR A 78 26.99 -5.43 12.07
CA THR A 78 27.52 -4.51 11.08
C THR A 78 26.52 -3.39 10.71
N LEU A 79 25.27 -3.58 11.05
CA LEU A 79 24.22 -2.68 10.61
C LEU A 79 24.09 -1.58 11.63
N SER A 80 23.36 -0.54 11.27
CA SER A 80 23.13 0.65 12.10
C SER A 80 21.64 0.78 12.47
N LEU A 81 21.06 -0.34 12.90
CA LEU A 81 19.65 -0.40 13.21
C LEU A 81 19.39 -0.61 14.71
N LYS A 82 18.17 -0.34 15.13
CA LYS A 82 17.69 -0.60 16.49
C LYS A 82 16.98 -1.93 16.60
N LYS A 83 16.79 -2.36 17.83
CA LYS A 83 16.16 -3.65 18.13
C LYS A 83 14.81 -3.81 17.47
N SER A 84 14.06 -2.73 17.40
CA SER A 84 12.75 -2.74 16.70
C SER A 84 12.93 -3.21 15.26
N GLU A 85 13.96 -2.76 14.55
CA GLU A 85 14.23 -3.30 13.20
C GLU A 85 14.59 -4.80 13.19
N TYR A 86 15.40 -5.22 14.17
CA TYR A 86 15.79 -6.63 14.31
C TYR A 86 14.54 -7.48 14.40
N GLU A 87 13.60 -7.05 15.24
CA GLU A 87 12.39 -7.82 15.46
C GLU A 87 11.55 -7.88 14.18
N VAL A 88 11.46 -6.77 13.48
CA VAL A 88 10.78 -6.77 12.23
C VAL A 88 11.44 -7.72 11.25
N LEU A 89 12.77 -7.66 11.14
CA LEU A 89 13.48 -8.55 10.24
C LEU A 89 13.36 -10.03 10.62
N LYS A 90 13.32 -10.32 11.91
CA LYS A 90 13.07 -11.66 12.42
C LYS A 90 11.68 -12.11 12.05
N GLN A 91 10.67 -11.25 12.25
CA GLN A 91 9.28 -11.59 11.83
C GLN A 91 9.19 -11.83 10.31
N PHE A 92 9.98 -11.12 9.52
CA PHE A 92 10.05 -11.44 8.10
C PHE A 92 10.57 -12.88 7.86
N GLY A 93 11.62 -13.31 8.55
CA GLY A 93 12.04 -14.70 8.47
C GLY A 93 10.94 -15.70 8.80
N GLU A 94 10.26 -15.49 9.92
CA GLU A 94 9.18 -16.35 10.41
C GLU A 94 8.11 -16.44 9.32
N THR A 95 7.87 -15.33 8.65
CA THR A 95 6.99 -15.29 7.52
C THR A 95 7.31 -16.20 6.35
N LEU A 96 8.58 -16.48 6.13
CA LEU A 96 8.96 -17.34 5.00
C LEU A 96 8.48 -18.75 5.16
N GLY A 97 8.24 -19.10 6.42
CA GLY A 97 7.72 -20.40 6.78
C GLY A 97 6.24 -20.53 6.92
N ILE A 98 5.49 -19.49 6.56
CA ILE A 98 4.04 -19.56 6.46
C ILE A 98 3.63 -20.29 5.16
N HIS A 99 2.89 -21.38 5.31
CA HIS A 99 2.43 -22.22 4.15
C HIS A 99 1.20 -21.66 3.43
N ASP A 100 0.24 -21.02 4.13
CA ASP A 100 -0.92 -20.38 3.48
C ASP A 100 -0.45 -19.21 2.62
N ARG A 101 -0.72 -19.24 1.33
CA ARG A 101 -0.13 -18.27 0.40
C ARG A 101 -0.55 -16.81 0.71
N ILE A 102 -1.81 -16.60 1.04
CA ILE A 102 -2.36 -15.26 1.21
C ILE A 102 -1.86 -14.67 2.51
N SER A 103 -1.86 -15.52 3.54
CA SER A 103 -1.38 -15.12 4.84
C SER A 103 0.11 -14.76 4.79
N GLN A 104 0.90 -15.55 4.09
CA GLN A 104 2.32 -15.23 3.92
C GLN A 104 2.50 -13.87 3.25
N GLN A 105 1.79 -13.69 2.17
CA GLN A 105 1.85 -12.44 1.43
C GLN A 105 1.53 -11.23 2.31
N LYS A 106 0.44 -11.33 3.09
CA LYS A 106 0.01 -10.25 3.95
C LYS A 106 1.00 -10.03 5.07
N HIS A 107 1.63 -11.10 5.57
CA HIS A 107 2.66 -10.91 6.62
C HIS A 107 3.96 -10.28 6.05
N ILE A 108 4.26 -10.55 4.78
CA ILE A 108 5.38 -9.86 4.13
C ILE A 108 5.07 -8.41 3.96
N LYS A 109 3.85 -8.11 3.53
CA LYS A 109 3.43 -6.70 3.42
C LYS A 109 3.54 -5.99 4.77
N LEU A 110 3.15 -6.67 5.86
CA LEU A 110 3.25 -6.09 7.23
C LEU A 110 4.67 -5.72 7.62
N ALA A 111 5.61 -6.64 7.34
CA ALA A 111 7.01 -6.35 7.50
C ALA A 111 7.44 -5.10 6.75
N LEU A 112 7.08 -5.01 5.49
CA LEU A 112 7.39 -3.83 4.67
C LEU A 112 6.81 -2.57 5.19
N THR A 113 5.56 -2.61 5.62
CA THR A 113 4.95 -1.40 6.20
C THR A 113 5.56 -1.04 7.51
N HIS A 114 5.94 -2.04 8.29
CA HIS A 114 6.60 -1.77 9.55
C HIS A 114 7.89 -1.03 9.36
N LEU A 115 8.64 -1.46 8.38
CA LEU A 115 9.88 -0.73 7.99
C LEU A 115 9.59 0.69 7.49
N GLU A 116 8.50 0.89 6.76
CA GLU A 116 8.09 2.24 6.35
C GLU A 116 7.86 3.14 7.54
N ALA A 117 7.25 2.57 8.55
CA ALA A 117 6.94 3.29 9.75
C ALA A 117 8.24 3.58 10.51
N SER A 118 9.11 2.58 10.63
CA SER A 118 10.41 2.82 11.32
C SER A 118 11.32 3.80 10.58
N GLU A 119 11.30 3.75 9.24
CA GLU A 119 11.94 4.77 8.49
C GLU A 119 11.46 6.16 8.84
N ALA A 120 10.16 6.36 8.97
CA ALA A 120 9.67 7.66 9.36
C ALA A 120 10.20 8.11 10.74
N ASP A 121 10.21 7.18 11.72
CA ASP A 121 10.64 7.44 13.09
C ASP A 121 12.11 7.86 13.08
N ALA A 122 12.91 7.13 12.30
CA ALA A 122 14.28 7.43 12.13
C ALA A 122 14.57 8.77 11.44
N GLU A 123 13.83 9.10 10.42
CA GLU A 123 13.93 10.41 9.82
C GLU A 123 13.54 11.52 10.80
N GLN A 124 12.49 11.28 11.59
CA GLN A 124 12.03 12.26 12.58
C GLN A 124 13.12 12.51 13.65
N ALA A 125 13.72 11.43 14.18
CA ALA A 125 14.87 11.52 15.13
C ALA A 125 16.06 12.33 14.57
N GLN A 126 16.44 12.03 13.32
CA GLN A 126 17.45 12.76 12.55
C GLN A 126 17.16 14.22 12.44
N ALA A 127 15.95 14.50 11.96
CA ALA A 127 15.55 15.89 11.73
C ALA A 127 15.60 16.64 13.06
N LYS A 128 15.20 15.97 14.15
CA LYS A 128 15.15 16.54 15.53
C LYS A 128 16.56 16.98 15.96
N ASN A 129 17.49 16.12 15.65
CA ASN A 129 18.91 16.36 15.77
C ASN A 129 19.50 17.42 14.83
N GLU A 130 18.71 18.17 14.05
CA GLU A 130 19.30 19.19 13.12
C GLU A 130 18.41 20.42 12.97
N GLY B 1 -17.04 -14.86 20.51
CA GLY B 1 -17.44 -14.63 19.10
C GLY B 1 -16.87 -15.60 18.06
N SER B 2 -17.63 -15.74 16.97
CA SER B 2 -17.33 -16.71 15.92
C SER B 2 -15.94 -16.54 15.19
N HIS B 3 -15.32 -17.67 14.88
CA HIS B 3 -14.28 -17.58 13.88
C HIS B 3 -14.89 -17.18 12.49
N MET B 4 -16.23 -17.20 12.35
CA MET B 4 -16.96 -16.66 11.18
C MET B 4 -17.15 -15.13 11.25
N GLU B 5 -17.35 -14.58 12.45
CA GLU B 5 -17.61 -13.13 12.60
C GLU B 5 -16.28 -12.34 12.56
N ARG B 6 -15.20 -12.90 13.09
CA ARG B 6 -13.96 -12.17 13.22
C ARG B 6 -13.38 -11.60 11.88
N PRO B 7 -13.29 -12.36 10.79
CA PRO B 7 -12.76 -11.83 9.54
C PRO B 7 -13.61 -10.73 8.98
N ARG B 8 -14.91 -10.89 9.11
CA ARG B 8 -15.89 -9.91 8.65
C ARG B 8 -15.79 -8.60 9.43
N GLN B 9 -15.55 -8.67 10.72
CA GLN B 9 -15.38 -7.48 11.50
C GLN B 9 -14.04 -6.79 11.25
N ILE B 10 -13.00 -7.57 11.04
CA ILE B 10 -11.71 -7.00 10.63
C ILE B 10 -11.83 -6.29 9.28
N ARG B 11 -12.57 -6.88 8.37
CA ARG B 11 -12.77 -6.28 7.03
C ARG B 11 -13.44 -4.92 7.12
N GLN B 12 -14.47 -4.87 7.96
CA GLN B 12 -15.18 -3.66 8.25
C GLN B 12 -14.29 -2.59 8.89
N LEU B 13 -13.44 -2.99 9.84
CA LEU B 13 -12.51 -2.07 10.49
C LEU B 13 -11.49 -1.49 9.53
N ARG B 14 -11.00 -2.33 8.61
CA ARG B 14 -10.12 -1.87 7.53
C ARG B 14 -10.75 -0.85 6.60
N ALA B 15 -12.05 -1.05 6.28
CA ALA B 15 -12.81 -0.08 5.49
C ALA B 15 -12.96 1.26 6.20
N ALA B 16 -13.42 1.18 7.44
CA ALA B 16 -13.66 2.35 8.25
C ALA B 16 -12.36 3.14 8.55
N LEU B 17 -11.28 2.44 8.95
CA LEU B 17 -10.01 3.10 9.21
C LEU B 17 -9.28 3.63 7.96
N GLN B 18 -9.47 3.00 6.84
CA GLN B 18 -9.00 3.63 5.64
C GLN B 18 -9.69 4.99 5.40
N SER B 19 -10.99 5.05 5.62
CA SER B 19 -11.68 6.33 5.39
C SER B 19 -11.28 7.36 6.42
N LEU B 20 -11.07 6.93 7.66
CA LEU B 20 -10.61 7.90 8.64
C LEU B 20 -9.21 8.39 8.34
N GLU B 21 -8.33 7.49 7.92
CA GLU B 21 -6.99 7.89 7.47
C GLU B 21 -7.04 8.98 6.44
N ALA B 22 -7.90 8.83 5.44
CA ALA B 22 -7.97 9.85 4.42
C ALA B 22 -8.40 11.21 4.97
N GLU B 23 -9.34 11.19 5.89
CA GLU B 23 -9.89 12.45 6.44
C GLU B 23 -8.86 13.14 7.36
N ILE B 24 -8.15 12.33 8.15
CA ILE B 24 -7.06 12.85 8.97
C ILE B 24 -5.95 13.49 8.13
N MET B 25 -5.53 12.78 7.09
CA MET B 25 -4.46 13.22 6.19
C MET B 25 -4.78 14.41 5.29
N TYR B 26 -5.94 14.41 4.67
CA TYR B 26 -6.19 15.46 3.68
C TYR B 26 -7.61 15.90 3.62
N GLY B 27 -8.50 15.26 4.38
CA GLY B 27 -9.86 15.65 4.56
C GLY B 27 -10.17 17.03 5.03
N HIS B 28 -11.30 17.49 4.56
CA HIS B 28 -11.89 18.68 5.05
C HIS B 28 -13.11 18.36 5.90
N THR B 29 -13.24 17.09 6.25
CA THR B 29 -14.24 16.64 7.18
C THR B 29 -13.67 16.49 8.61
N PRO B 30 -14.28 17.17 9.58
CA PRO B 30 -13.80 16.95 10.99
C PRO B 30 -13.92 15.49 11.31
N LEU B 31 -13.00 15.01 12.09
CA LEU B 31 -12.97 13.65 12.55
C LEU B 31 -14.30 13.15 13.19
N HIS B 32 -14.91 13.96 14.05
CA HIS B 32 -16.20 13.56 14.66
C HIS B 32 -17.27 13.29 13.59
N THR B 33 -17.32 14.15 12.59
CA THR B 33 -18.32 14.00 11.53
C THR B 33 -17.99 12.79 10.67
N ALA B 34 -16.72 12.63 10.30
CA ALA B 34 -16.30 11.47 9.53
C ALA B 34 -16.65 10.15 10.23
N SER B 35 -16.39 10.07 11.52
CA SER B 35 -16.69 8.90 12.26
C SER B 35 -18.18 8.64 12.35
N GLN B 36 -18.95 9.69 12.58
CA GLN B 36 -20.43 9.51 12.60
C GLN B 36 -20.95 9.02 11.22
N GLN B 37 -20.43 9.59 10.11
CA GLN B 37 -20.88 9.19 8.78
C GLN B 37 -20.61 7.68 8.59
N ILE B 38 -19.48 7.23 9.09
CA ILE B 38 -19.17 5.81 9.00
C ILE B 38 -20.12 5.01 9.86
N ALA B 39 -20.35 5.47 11.07
CA ALA B 39 -21.21 4.73 11.97
C ALA B 39 -22.61 4.47 11.39
N LYS B 40 -23.13 5.45 10.68
CA LYS B 40 -24.45 5.34 10.07
C LYS B 40 -24.50 4.23 9.07
N GLN B 41 -23.39 3.89 8.45
CA GLN B 41 -23.39 2.91 7.37
C GLN B 41 -23.13 1.48 7.83
N LEU B 42 -22.16 1.35 8.68
CA LEU B 42 -21.69 0.01 9.10
C LEU B 42 -22.74 -0.66 9.95
N ALA B 43 -22.74 -1.97 9.83
CA ALA B 43 -23.54 -2.83 10.64
C ALA B 43 -22.95 -2.90 12.04
N GLN B 44 -23.81 -3.20 12.99
CA GLN B 44 -23.41 -3.46 14.36
C GLN B 44 -22.82 -4.84 14.44
N PRO B 45 -21.92 -5.06 15.39
CA PRO B 45 -21.53 -4.11 16.45
C PRO B 45 -20.38 -3.12 16.14
N VAL B 46 -19.67 -3.29 15.02
CA VAL B 46 -18.54 -2.40 14.71
C VAL B 46 -18.95 -0.96 14.59
N SER B 47 -20.14 -0.74 14.04
CA SER B 47 -20.72 0.59 13.95
C SER B 47 -20.56 1.40 15.25
N THR B 48 -20.77 0.76 16.39
CA THR B 48 -20.83 1.42 17.68
C THR B 48 -19.46 1.94 18.11
N LEU B 49 -18.39 1.31 17.64
CA LEU B 49 -17.10 1.87 17.88
C LEU B 49 -17.02 3.25 17.32
N PHE B 50 -17.57 3.46 16.14
CA PHE B 50 -17.44 4.74 15.40
C PHE B 50 -18.45 5.80 15.84
N SER B 51 -19.66 5.39 16.25
CA SER B 51 -20.58 6.35 16.91
C SER B 51 -20.11 6.74 18.31
N ALA B 52 -19.64 5.79 19.11
CA ALA B 52 -19.03 6.13 20.39
C ALA B 52 -17.85 7.07 20.30
N PHE B 53 -17.00 6.87 19.27
CA PHE B 53 -15.86 7.74 19.04
C PHE B 53 -16.33 9.14 18.73
N SER B 54 -17.30 9.21 17.82
CA SER B 54 -17.88 10.50 17.43
C SER B 54 -18.48 11.24 18.64
N ASP B 55 -19.27 10.54 19.45
CA ASP B 55 -19.79 11.11 20.71
C ASP B 55 -18.69 11.62 21.63
N GLN B 56 -17.63 10.84 21.81
CA GLN B 56 -16.61 11.20 22.79
C GLN B 56 -15.90 12.41 22.28
N LEU B 57 -15.54 12.44 20.99
CA LEU B 57 -14.94 13.65 20.42
C LEU B 57 -15.89 14.87 20.65
N ASP B 58 -17.21 14.70 20.49
CA ASP B 58 -18.31 15.71 20.74
C ASP B 58 -18.86 15.98 22.17
N LYS B 59 -18.59 15.10 23.12
CA LYS B 59 -18.94 15.24 24.53
C LYS B 59 -18.07 16.25 25.32
N GLY B 60 -16.94 16.71 24.78
CA GLY B 60 -16.00 17.49 25.57
C GLY B 60 -14.76 17.89 24.87
N SER B 61 -13.67 18.09 25.63
CA SER B 61 -12.39 18.48 25.10
C SER B 61 -11.31 17.33 25.05
N ASP B 62 -11.68 16.05 25.06
CA ASP B 62 -10.67 14.94 24.98
C ASP B 62 -9.83 15.06 23.71
N SER B 63 -8.53 14.72 23.75
CA SER B 63 -7.79 14.45 22.50
C SER B 63 -8.47 13.32 21.74
N ALA B 64 -8.19 13.25 20.44
CA ALA B 64 -8.68 12.12 19.65
C ALA B 64 -8.18 10.75 20.19
N LYS B 65 -6.94 10.72 20.62
CA LYS B 65 -6.33 9.53 21.21
C LYS B 65 -7.11 9.07 22.43
N THR B 66 -7.50 10.01 23.28
CA THR B 66 -8.21 9.66 24.53
C THR B 66 -9.58 9.16 24.18
N ALA B 67 -10.22 9.84 23.25
CA ALA B 67 -11.57 9.45 22.83
C ALA B 67 -11.60 8.07 22.21
N TRP B 68 -10.58 7.77 21.42
CA TRP B 68 -10.51 6.47 20.80
C TRP B 68 -10.36 5.35 21.80
N GLU B 69 -9.42 5.53 22.71
CA GLU B 69 -9.13 4.49 23.71
C GLU B 69 -10.37 4.20 24.51
N GLN B 70 -11.05 5.26 24.94
CA GLN B 70 -12.26 5.12 25.74
C GLN B 70 -13.35 4.39 24.96
N SER B 71 -13.55 4.76 23.71
CA SER B 71 -14.55 4.09 22.89
C SER B 71 -14.22 2.63 22.67
N LEU B 72 -12.94 2.36 22.44
CA LEU B 72 -12.50 0.99 22.22
C LEU B 72 -12.76 0.04 23.39
N LYS B 73 -12.46 0.50 24.60
CA LYS B 73 -12.74 -0.28 25.81
C LYS B 73 -14.21 -0.45 26.04
N LYS B 74 -14.94 0.62 25.81
CA LYS B 74 -16.39 0.55 26.00
C LYS B 74 -17.08 -0.53 25.08
N VAL B 75 -16.66 -0.63 23.82
CA VAL B 75 -17.34 -1.54 22.88
C VAL B 75 -16.67 -2.90 22.80
N TRP B 76 -15.46 -3.02 23.31
CA TRP B 76 -14.65 -4.18 23.08
C TRP B 76 -15.36 -5.53 23.22
N ASP B 77 -16.12 -5.68 24.30
CA ASP B 77 -16.77 -6.97 24.58
C ASP B 77 -17.91 -7.29 23.65
N THR B 78 -18.46 -6.33 22.96
CA THR B 78 -19.46 -6.62 21.92
C THR B 78 -18.85 -7.17 20.58
N LEU B 79 -17.54 -7.04 20.40
CA LEU B 79 -16.91 -7.44 19.16
C LEU B 79 -16.49 -8.91 19.27
N SER B 80 -16.04 -9.48 18.16
CA SER B 80 -15.66 -10.88 18.06
C SER B 80 -14.20 -11.02 17.66
N LEU B 81 -13.35 -10.21 18.29
CA LEU B 81 -11.97 -10.09 17.92
C LEU B 81 -11.06 -10.70 18.99
N LYS B 82 -9.83 -11.00 18.62
CA LYS B 82 -8.80 -11.44 19.55
C LYS B 82 -7.96 -10.28 20.07
N LYS B 83 -7.21 -10.56 21.12
CA LYS B 83 -6.33 -9.58 21.80
C LYS B 83 -5.38 -8.88 20.78
N SER B 84 -4.87 -9.64 19.85
CA SER B 84 -4.04 -9.10 18.82
C SER B 84 -4.72 -7.92 18.10
N GLU B 85 -6.01 -8.05 17.76
CA GLU B 85 -6.77 -6.91 17.17
C GLU B 85 -6.90 -5.75 18.13
N TYR B 86 -7.11 -6.03 19.41
CA TYR B 86 -7.21 -4.99 20.42
C TYR B 86 -5.96 -4.16 20.42
N GLU B 87 -4.81 -4.83 20.41
CA GLU B 87 -3.53 -4.13 20.49
C GLU B 87 -3.32 -3.29 19.24
N VAL B 88 -3.66 -3.83 18.10
CA VAL B 88 -3.60 -3.05 16.88
C VAL B 88 -4.51 -1.81 16.92
N LEU B 89 -5.74 -1.99 17.37
CA LEU B 89 -6.63 -0.87 17.57
C LEU B 89 -6.22 0.16 18.60
N LYS B 90 -5.62 -0.29 19.67
CA LYS B 90 -4.99 0.60 20.64
C LYS B 90 -3.82 1.37 20.05
N GLN B 91 -2.92 0.70 19.33
CA GLN B 91 -1.83 1.43 18.62
C GLN B 91 -2.43 2.48 17.69
N PHE B 92 -3.56 2.18 17.04
CA PHE B 92 -4.19 3.18 16.18
C PHE B 92 -4.59 4.44 16.95
N GLY B 93 -5.13 4.27 18.15
CA GLY B 93 -5.36 5.41 19.02
C GLY B 93 -4.12 6.22 19.31
N GLU B 94 -3.04 5.54 19.67
CA GLU B 94 -1.77 6.20 20.01
C GLU B 94 -1.34 7.02 18.86
N THR B 95 -1.53 6.45 17.67
CA THR B 95 -1.20 7.09 16.42
C THR B 95 -1.92 8.41 16.16
N LEU B 96 -3.11 8.58 16.70
CA LEU B 96 -3.83 9.86 16.56
C LEU B 96 -3.20 11.02 17.29
N GLY B 97 -2.37 10.69 18.29
CA GLY B 97 -1.57 11.68 19.01
C GLY B 97 -0.15 11.93 18.49
N ILE B 98 0.26 11.32 17.38
CA ILE B 98 1.55 11.59 16.79
C ILE B 98 1.54 12.93 16.06
N HIS B 99 2.46 13.81 16.43
CA HIS B 99 2.53 15.17 15.91
C HIS B 99 3.19 15.22 14.55
N ASP B 100 4.26 14.47 14.34
CA ASP B 100 4.96 14.46 13.04
C ASP B 100 4.04 13.87 11.98
N ARG B 101 3.78 14.62 10.94
CA ARG B 101 2.79 14.21 9.96
C ARG B 101 3.05 12.90 9.24
N ILE B 102 4.29 12.73 8.82
CA ILE B 102 4.67 11.61 8.01
C ILE B 102 4.67 10.35 8.87
N SER B 103 5.20 10.49 10.06
CA SER B 103 5.23 9.41 10.98
C SER B 103 3.84 8.96 11.35
N GLN B 104 2.94 9.90 11.60
CA GLN B 104 1.55 9.53 11.90
C GLN B 104 0.96 8.71 10.75
N GLN B 105 1.12 9.25 9.57
CA GLN B 105 0.64 8.61 8.36
C GLN B 105 1.14 7.19 8.19
N LYS B 106 2.44 6.99 8.36
CA LYS B 106 3.04 5.66 8.25
C LYS B 106 2.62 4.71 9.36
N HIS B 107 2.38 5.24 10.56
CA HIS B 107 1.80 4.40 11.64
C HIS B 107 0.35 4.04 11.44
N ILE B 108 -0.40 4.93 10.79
CA ILE B 108 -1.75 4.55 10.42
C ILE B 108 -1.75 3.45 9.39
N LYS B 109 -0.89 3.62 8.38
CA LYS B 109 -0.74 2.59 7.38
C LYS B 109 -0.37 1.25 8.05
N LEU B 110 0.46 1.29 9.08
CA LEU B 110 0.88 0.08 9.77
C LEU B 110 -0.27 -0.63 10.42
N ALA B 111 -1.14 0.16 11.07
CA ALA B 111 -2.35 -0.36 11.63
C ALA B 111 -3.19 -1.07 10.59
N LEU B 112 -3.38 -0.43 9.45
CA LEU B 112 -4.18 -1.02 8.40
C LEU B 112 -3.60 -2.28 7.84
N THR B 113 -2.28 -2.30 7.58
CA THR B 113 -1.65 -3.49 7.08
C THR B 113 -1.66 -4.61 8.10
N HIS B 114 -1.53 -4.25 9.37
CA HIS B 114 -1.66 -5.26 10.40
C HIS B 114 -2.99 -5.93 10.38
N LEU B 115 -4.03 -5.13 10.22
CA LEU B 115 -5.40 -5.68 10.10
C LEU B 115 -5.57 -6.55 8.90
N GLU B 116 -4.98 -6.15 7.79
CA GLU B 116 -5.01 -6.99 6.60
C GLU B 116 -4.34 -8.35 6.82
N ALA B 117 -3.29 -8.33 7.61
CA ALA B 117 -2.59 -9.56 7.95
C ALA B 117 -3.43 -10.39 8.89
N SER B 118 -3.98 -9.77 9.93
CA SER B 118 -4.84 -10.52 10.84
C SER B 118 -6.10 -11.06 10.14
N GLU B 119 -6.66 -10.29 9.20
CA GLU B 119 -7.77 -10.81 8.39
C GLU B 119 -7.38 -12.10 7.66
N ALA B 120 -6.18 -12.14 7.08
CA ALA B 120 -5.74 -13.36 6.44
C ALA B 120 -5.63 -14.54 7.40
N ASP B 121 -5.10 -14.28 8.60
CA ASP B 121 -4.93 -15.30 9.65
C ASP B 121 -6.32 -15.83 10.03
N ALA B 122 -7.24 -14.92 10.25
CA ALA B 122 -8.58 -15.29 10.58
C ALA B 122 -9.27 -16.11 9.49
N GLU B 123 -9.09 -15.73 8.24
CA GLU B 123 -9.68 -16.49 7.15
C GLU B 123 -9.10 -17.89 7.10
N GLN B 124 -7.79 -17.98 7.37
CA GLN B 124 -7.07 -19.26 7.34
C GLN B 124 -7.59 -20.20 8.44
N ALA B 125 -7.74 -19.65 9.65
CA ALA B 125 -8.35 -20.38 10.77
C ALA B 125 -9.74 -20.94 10.43
N GLN B 126 -10.57 -20.08 9.85
CA GLN B 126 -11.91 -20.44 9.34
C GLN B 126 -11.88 -21.64 8.36
N ALA B 127 -10.92 -21.67 7.44
CA ALA B 127 -10.89 -22.68 6.34
C ALA B 127 -10.83 -24.17 6.75
N MET C 4 11.56 -12.15 -19.60
CA MET C 4 13.04 -12.29 -19.42
C MET C 4 13.68 -11.06 -18.69
N GLU C 5 14.13 -10.07 -19.45
CA GLU C 5 14.77 -8.88 -18.88
C GLU C 5 13.69 -7.90 -18.33
N ARG C 6 12.54 -7.85 -18.97
CA ARG C 6 11.49 -6.90 -18.62
C ARG C 6 10.99 -6.93 -17.14
N PRO C 7 10.56 -8.08 -16.59
CA PRO C 7 10.15 -8.14 -15.17
C PRO C 7 11.23 -7.73 -14.21
N ARG C 8 12.46 -8.13 -14.48
CA ARG C 8 13.60 -7.77 -13.68
C ARG C 8 13.85 -6.27 -13.70
N GLN C 9 13.71 -5.65 -14.86
CA GLN C 9 13.92 -4.23 -14.91
C GLN C 9 12.81 -3.46 -14.17
N ILE C 10 11.60 -3.95 -14.29
CA ILE C 10 10.46 -3.32 -13.65
C ILE C 10 10.65 -3.44 -12.14
N ARG C 11 11.14 -4.58 -11.71
CA ARG C 11 11.43 -4.79 -10.31
C ARG C 11 12.43 -3.80 -9.79
N GLN C 12 13.52 -3.61 -10.55
CA GLN C 12 14.55 -2.59 -10.26
C GLN C 12 13.96 -1.17 -10.20
N LEU C 13 13.09 -0.86 -11.15
CA LEU C 13 12.47 0.47 -11.18
C LEU C 13 11.61 0.67 -9.95
N ARG C 14 10.85 -0.35 -9.57
CA ARG C 14 10.05 -0.24 -8.39
C ARG C 14 10.89 -0.02 -7.16
N ALA C 15 12.03 -0.71 -7.07
CA ALA C 15 12.96 -0.51 -5.95
C ALA C 15 13.51 0.94 -5.90
N ALA C 16 13.98 1.40 -7.05
CA ALA C 16 14.49 2.71 -7.16
C ALA C 16 13.44 3.79 -6.88
N LEU C 17 12.31 3.71 -7.58
CA LEU C 17 11.28 4.71 -7.38
C LEU C 17 10.73 4.69 -5.94
N GLN C 18 10.72 3.53 -5.29
CA GLN C 18 10.28 3.54 -3.92
C GLN C 18 11.22 4.36 -3.06
N SER C 19 12.50 4.19 -3.28
CA SER C 19 13.47 4.92 -2.52
C SER C 19 13.39 6.37 -2.83
N LEU C 20 13.21 6.70 -4.11
CA LEU C 20 13.12 8.07 -4.48
C LEU C 20 11.87 8.76 -3.87
N GLU C 21 10.74 8.08 -3.89
CA GLU C 21 9.54 8.54 -3.24
C GLU C 21 9.78 8.89 -1.77
N ALA C 22 10.43 8.00 -1.03
CA ALA C 22 10.69 8.25 0.36
C ALA C 22 11.52 9.50 0.54
N GLU C 23 12.53 9.67 -0.30
CA GLU C 23 13.45 10.84 -0.14
C GLU C 23 12.75 12.15 -0.47
N ILE C 24 11.90 12.11 -1.49
CA ILE C 24 11.10 13.26 -1.87
C ILE C 24 10.18 13.60 -0.74
N MET C 25 9.47 12.62 -0.20
CA MET C 25 8.55 12.83 0.92
C MET C 25 9.21 13.39 2.18
N TYR C 26 10.38 12.86 2.56
CA TYR C 26 11.08 13.36 3.76
C TYR C 26 11.63 14.75 3.59
N GLY C 27 11.71 15.20 2.34
CA GLY C 27 11.92 16.65 2.08
C GLY C 27 13.29 17.29 2.29
N HIS C 28 14.34 16.50 2.60
CA HIS C 28 15.69 17.05 2.95
C HIS C 28 16.85 16.54 2.06
N THR C 29 16.76 15.48 1.24
CA THR C 29 17.88 15.14 0.34
C THR C 29 17.59 15.84 -1.00
N PRO C 30 18.56 16.61 -1.53
CA PRO C 30 18.30 17.13 -2.87
C PRO C 30 18.12 16.00 -3.87
N LEU C 31 17.25 16.23 -4.79
CA LEU C 31 16.89 15.20 -5.72
C LEU C 31 18.07 14.63 -6.61
N HIS C 32 18.98 15.52 -6.97
CA HIS C 32 20.16 15.10 -7.69
C HIS C 32 21.06 14.14 -6.89
N THR C 33 21.19 14.39 -5.62
CA THR C 33 21.93 13.48 -4.71
C THR C 33 21.18 12.15 -4.51
N ALA C 34 19.89 12.20 -4.23
CA ALA C 34 19.16 10.97 -4.11
C ALA C 34 19.30 10.05 -5.32
N SER C 35 19.15 10.65 -6.49
CA SER C 35 19.14 9.86 -7.77
C SER C 35 20.52 9.27 -8.01
N GLN C 36 21.56 10.05 -7.69
CA GLN C 36 22.92 9.55 -7.85
C GLN C 36 23.17 8.40 -6.89
N GLN C 37 22.68 8.49 -5.66
CA GLN C 37 22.84 7.37 -4.68
C GLN C 37 22.17 6.08 -5.13
N ILE C 38 20.99 6.23 -5.76
CA ILE C 38 20.33 5.07 -6.34
C ILE C 38 21.08 4.53 -7.54
N ALA C 39 21.51 5.42 -8.44
CA ALA C 39 22.28 4.97 -9.60
C ALA C 39 23.44 4.06 -9.18
N LYS C 40 24.14 4.43 -8.12
CA LYS C 40 25.34 3.71 -7.70
C LYS C 40 24.99 2.27 -7.32
N GLN C 41 23.77 2.05 -6.87
CA GLN C 41 23.31 0.79 -6.38
C GLN C 41 22.30 0.10 -7.31
N LEU C 42 22.35 0.37 -8.62
CA LEU C 42 21.70 -0.43 -9.61
C LEU C 42 22.63 -0.89 -10.71
N ALA C 43 22.36 -2.06 -11.23
CA ALA C 43 22.99 -2.53 -12.43
C ALA C 43 22.46 -1.79 -13.65
N GLN C 44 23.27 -1.81 -14.69
CA GLN C 44 22.89 -1.30 -15.99
C GLN C 44 21.91 -2.25 -16.65
N PRO C 45 20.99 -1.76 -17.50
CA PRO C 45 20.96 -0.37 -18.00
C PRO C 45 20.11 0.58 -17.17
N VAL C 46 19.32 0.06 -16.23
CA VAL C 46 18.38 0.94 -15.46
C VAL C 46 19.13 2.00 -14.65
N SER C 47 20.31 1.63 -14.17
CA SER C 47 21.18 2.60 -13.44
C SER C 47 21.28 3.95 -14.14
N THR C 48 21.46 3.89 -15.44
CA THR C 48 21.72 5.08 -16.26
C THR C 48 20.53 6.05 -16.31
N LEU C 49 19.33 5.53 -16.18
CA LEU C 49 18.21 6.42 -16.02
C LEU C 49 18.40 7.35 -14.83
N PHE C 50 18.94 6.83 -13.73
CA PHE C 50 19.08 7.61 -12.49
C PHE C 50 20.31 8.47 -12.47
N SER C 51 21.42 8.01 -13.08
CA SER C 51 22.61 8.89 -13.20
C SER C 51 22.35 9.99 -14.19
N ALA C 52 21.68 9.68 -15.31
CA ALA C 52 21.35 10.73 -16.29
C ALA C 52 20.45 11.78 -15.67
N PHE C 53 19.49 11.33 -14.86
CA PHE C 53 18.55 12.26 -14.19
C PHE C 53 19.32 13.18 -13.26
N SER C 54 20.22 12.58 -12.46
CA SER C 54 21.10 13.34 -11.59
C SER C 54 21.91 14.40 -12.36
N ASP C 55 22.53 14.02 -13.42
CA ASP C 55 23.29 14.99 -14.24
C ASP C 55 22.40 16.12 -14.77
N GLN C 56 21.21 15.77 -15.27
CA GLN C 56 20.37 16.77 -15.89
C GLN C 56 19.90 17.77 -14.85
N LEU C 57 19.49 17.29 -13.68
CA LEU C 57 19.16 18.18 -12.54
C LEU C 57 20.31 19.10 -12.18
N ASP C 58 21.53 18.60 -12.25
CA ASP C 58 22.69 19.48 -12.06
C ASP C 58 22.86 20.58 -13.14
N LYS C 59 22.15 20.47 -14.27
CA LYS C 59 22.21 21.41 -15.41
C LYS C 59 21.14 22.48 -15.41
N GLY C 60 21.53 23.70 -15.70
CA GLY C 60 20.58 24.78 -15.94
C GLY C 60 19.68 25.07 -14.80
N SER C 61 18.54 25.66 -15.10
CA SER C 61 17.42 25.75 -14.19
C SER C 61 16.32 24.65 -14.47
N ASP C 62 16.60 23.40 -14.91
CA ASP C 62 15.49 22.51 -15.38
C ASP C 62 14.53 22.22 -14.24
N SER C 63 13.23 22.23 -14.49
CA SER C 63 12.37 21.54 -13.53
C SER C 63 12.74 20.06 -13.47
N ALA C 64 12.46 19.46 -12.34
CA ALA C 64 12.71 18.03 -12.18
C ALA C 64 11.96 17.20 -13.20
N LYS C 65 10.75 17.64 -13.47
CA LYS C 65 9.94 17.02 -14.48
C LYS C 65 10.66 17.06 -15.84
N THR C 66 11.23 18.19 -16.23
CA THR C 66 11.91 18.32 -17.56
C THR C 66 13.13 17.41 -17.57
N ALA C 67 13.90 17.46 -16.51
CA ALA C 67 15.07 16.58 -16.39
C ALA C 67 14.77 15.10 -16.43
N TRP C 68 13.67 14.71 -15.80
CA TRP C 68 13.21 13.33 -15.90
C TRP C 68 12.87 12.90 -17.35
N GLU C 69 12.07 13.71 -17.99
CA GLU C 69 11.53 13.37 -19.34
C GLU C 69 12.69 13.21 -20.28
N GLN C 70 13.64 14.13 -20.19
CA GLN C 70 14.86 14.12 -21.02
C GLN C 70 15.72 12.87 -20.74
N SER C 71 15.89 12.51 -19.48
CA SER C 71 16.64 11.31 -19.17
C SER C 71 15.93 10.07 -19.68
N LEU C 72 14.62 10.06 -19.54
CA LEU C 72 13.86 8.91 -19.94
C LEU C 72 13.97 8.62 -21.46
N LYS C 73 13.86 9.66 -22.28
CA LYS C 73 14.00 9.54 -23.74
C LYS C 73 15.41 9.18 -24.15
N LYS C 74 16.38 9.80 -23.50
CA LYS C 74 17.79 9.49 -23.72
C LYS C 74 18.13 7.95 -23.45
N VAL C 75 17.60 7.33 -22.40
CA VAL C 75 17.97 5.95 -22.05
C VAL C 75 17.01 4.94 -22.60
N TRP C 76 15.82 5.38 -23.00
CA TRP C 76 14.73 4.48 -23.31
C TRP C 76 15.12 3.27 -24.15
N ASP C 77 15.87 3.47 -25.23
CA ASP C 77 16.20 2.37 -26.15
C ASP C 77 17.19 1.36 -25.56
N THR C 78 17.91 1.72 -24.50
CA THR C 78 18.71 0.69 -23.81
C THR C 78 17.92 -0.25 -22.92
N LEU C 79 16.67 0.11 -22.62
CA LEU C 79 15.87 -0.68 -21.69
C LEU C 79 15.10 -1.75 -22.46
N SER C 80 14.48 -2.68 -21.72
CA SER C 80 13.75 -3.82 -22.26
C SER C 80 12.30 -3.75 -21.82
N LEU C 81 11.70 -2.58 -21.97
CA LEU C 81 10.34 -2.33 -21.52
C LEU C 81 9.38 -2.04 -22.66
N LYS C 82 8.09 -2.17 -22.38
CA LYS C 82 7.01 -1.90 -23.38
C LYS C 82 6.48 -0.48 -23.19
N LYS C 83 5.74 -0.01 -24.19
CA LYS C 83 5.21 1.32 -24.22
C LYS C 83 4.40 1.64 -22.95
N SER C 84 3.66 0.66 -22.47
CA SER C 84 2.95 0.83 -21.23
C SER C 84 3.88 1.32 -20.06
N GLU C 85 5.07 0.72 -19.91
CA GLU C 85 6.02 1.20 -18.92
C GLU C 85 6.52 2.61 -19.23
N TYR C 86 6.74 2.95 -20.49
CA TYR C 86 7.12 4.30 -20.89
C TYR C 86 6.11 5.31 -20.36
N GLU C 87 4.83 5.02 -20.57
CA GLU C 87 3.80 5.93 -20.19
C GLU C 87 3.77 6.09 -18.67
N VAL C 88 3.93 4.99 -17.96
CA VAL C 88 3.94 5.05 -16.51
C VAL C 88 5.12 5.92 -16.07
N LEU C 89 6.28 5.70 -16.67
CA LEU C 89 7.45 6.49 -16.32
C LEU C 89 7.34 7.98 -16.70
N LYS C 90 6.70 8.28 -17.81
CA LYS C 90 6.34 9.64 -18.17
C LYS C 90 5.35 10.28 -17.17
N GLN C 91 4.32 9.55 -16.72
CA GLN C 91 3.45 10.05 -15.63
C GLN C 91 4.22 10.33 -14.35
N PHE C 92 5.21 9.50 -14.06
CA PHE C 92 6.02 9.76 -12.90
C PHE C 92 6.75 11.13 -13.04
N GLY C 93 7.27 11.42 -14.21
CA GLY C 93 7.87 12.75 -14.44
C GLY C 93 6.91 13.88 -14.17
N GLU C 94 5.70 13.74 -14.67
CA GLU C 94 4.66 14.76 -14.49
C GLU C 94 4.42 14.99 -13.04
N THR C 95 4.43 13.91 -12.28
CA THR C 95 4.23 13.91 -10.85
C THR C 95 5.26 14.73 -10.12
N LEU C 96 6.45 14.88 -10.67
CA LEU C 96 7.50 15.67 -9.98
C LEU C 96 7.20 17.17 -10.00
N GLY C 97 6.37 17.58 -10.96
CA GLY C 97 5.85 18.93 -11.02
C GLY C 97 4.59 19.24 -10.22
N ILE C 98 4.07 18.29 -9.43
CA ILE C 98 2.93 18.53 -8.53
C ILE C 98 3.39 19.23 -7.25
N HIS C 99 2.81 20.40 -6.97
CA HIS C 99 3.21 21.24 -5.83
C HIS C 99 2.58 20.77 -4.53
N ASP C 100 1.33 20.30 -4.55
CA ASP C 100 0.70 19.81 -3.33
C ASP C 100 1.42 18.54 -2.87
N ARG C 101 1.92 18.52 -1.65
CA ARG C 101 2.73 17.40 -1.15
C ARG C 101 2.01 16.06 -1.15
N ILE C 102 0.78 16.07 -0.68
CA ILE C 102 0.01 14.82 -0.49
C ILE C 102 -0.40 14.27 -1.82
N SER C 103 -0.84 15.17 -2.68
CA SER C 103 -1.23 14.75 -4.02
C SER C 103 -0.01 14.13 -4.75
N GLN C 104 1.15 14.77 -4.63
CA GLN C 104 2.31 14.28 -5.33
C GLN C 104 2.62 12.88 -4.84
N GLN C 105 2.61 12.72 -3.54
CA GLN C 105 2.85 11.46 -2.92
C GLN C 105 1.91 10.37 -3.42
N LYS C 106 0.63 10.67 -3.47
CA LYS C 106 -0.37 9.71 -3.96
C LYS C 106 -0.21 9.39 -5.45
N HIS C 107 0.20 10.38 -6.25
CA HIS C 107 0.50 10.07 -7.68
C HIS C 107 1.76 9.22 -7.88
N ILE C 108 2.74 9.43 -7.01
CA ILE C 108 3.91 8.58 -7.03
C ILE C 108 3.53 7.18 -6.65
N LYS C 109 2.72 7.02 -5.58
CA LYS C 109 2.19 5.68 -5.22
C LYS C 109 1.48 5.00 -6.42
N LEU C 110 0.71 5.76 -7.18
CA LEU C 110 0.02 5.21 -8.38
C LEU C 110 0.95 4.68 -9.42
N ALA C 111 2.02 5.45 -9.70
CA ALA C 111 3.09 5.00 -10.59
C ALA C 111 3.68 3.68 -10.10
N LEU C 112 3.97 3.59 -8.81
CA LEU C 112 4.52 2.35 -8.25
C LEU C 112 3.61 1.17 -8.36
N THR C 113 2.34 1.37 -8.05
CA THR C 113 1.38 0.29 -8.13
C THR C 113 1.16 -0.11 -9.56
N HIS C 114 1.20 0.85 -10.48
CA HIS C 114 1.08 0.48 -11.86
C HIS C 114 2.21 -0.45 -12.32
N LEU C 115 3.43 -0.13 -11.88
CA LEU C 115 4.58 -0.96 -12.16
C LEU C 115 4.43 -2.34 -11.52
N GLU C 116 3.92 -2.39 -10.32
CA GLU C 116 3.70 -3.68 -9.67
C GLU C 116 2.74 -4.54 -10.45
N ALA C 117 1.71 -3.89 -10.99
CA ALA C 117 0.76 -4.58 -11.83
C ALA C 117 1.42 -5.05 -13.14
N SER C 118 2.15 -4.17 -13.82
CA SER C 118 2.88 -4.59 -15.04
C SER C 118 3.91 -5.69 -14.75
N GLU C 119 4.60 -5.61 -13.62
CA GLU C 119 5.53 -6.70 -13.25
C GLU C 119 4.80 -8.04 -13.20
N ALA C 120 3.62 -8.09 -12.59
CA ALA C 120 2.85 -9.33 -12.52
C ALA C 120 2.41 -9.86 -13.87
N ASP C 121 1.98 -8.95 -14.76
CA ASP C 121 1.69 -9.28 -16.16
C ASP C 121 2.94 -9.90 -16.85
N ALA C 122 4.07 -9.22 -16.75
CA ALA C 122 5.29 -9.64 -17.43
C ALA C 122 5.71 -11.01 -16.90
N GLU C 123 5.57 -11.25 -15.60
CA GLU C 123 5.90 -12.56 -15.03
C GLU C 123 4.98 -13.66 -15.50
N GLN C 124 3.70 -13.31 -15.65
CA GLN C 124 2.70 -14.21 -16.18
C GLN C 124 3.05 -14.60 -17.64
N ALA C 125 3.39 -13.59 -18.46
CA ALA C 125 3.83 -13.83 -19.86
C ALA C 125 5.03 -14.84 -20.03
N GLN C 126 6.18 -14.64 -19.38
CA GLN C 126 7.29 -15.61 -19.52
C GLN C 126 6.93 -16.91 -18.81
N GLY D 1 -22.73 17.62 -9.60
CA GLY D 1 -22.42 17.32 -8.18
C GLY D 1 -21.32 18.16 -7.52
N SER D 2 -21.42 18.26 -6.21
CA SER D 2 -20.53 19.09 -5.39
C SER D 2 -19.00 18.71 -5.40
N HIS D 3 -18.21 19.77 -5.35
CA HIS D 3 -16.84 19.73 -4.88
C HIS D 3 -16.71 19.00 -3.55
N MET D 4 -17.77 19.14 -2.77
CA MET D 4 -17.94 18.61 -1.43
C MET D 4 -18.36 17.11 -1.45
N GLU D 5 -19.20 16.69 -2.41
CA GLU D 5 -19.69 15.32 -2.47
C GLU D 5 -18.66 14.35 -3.11
N ARG D 6 -17.92 14.80 -4.10
CA ARG D 6 -17.00 13.93 -4.83
C ARG D 6 -15.93 13.18 -3.97
N PRO D 7 -15.16 13.87 -3.12
CA PRO D 7 -14.21 13.15 -2.27
C PRO D 7 -14.85 12.12 -1.36
N ARG D 8 -16.01 12.45 -0.83
CA ARG D 8 -16.73 11.58 0.06
C ARG D 8 -17.20 10.30 -0.68
N GLN D 9 -17.63 10.46 -1.92
CA GLN D 9 -18.07 9.30 -2.67
C GLN D 9 -16.88 8.43 -3.08
N ILE D 10 -15.77 9.06 -3.39
CA ILE D 10 -14.57 8.30 -3.70
C ILE D 10 -14.13 7.53 -2.45
N ARG D 11 -14.25 8.13 -1.28
CA ARG D 11 -13.88 7.49 -0.05
C ARG D 11 -14.69 6.24 0.21
N GLN D 12 -15.99 6.36 0.00
CA GLN D 12 -16.92 5.24 0.09
C GLN D 12 -16.58 4.16 -0.92
N LEU D 13 -16.25 4.56 -2.13
CA LEU D 13 -15.90 3.56 -3.17
C LEU D 13 -14.65 2.81 -2.79
N ARG D 14 -13.67 3.53 -2.24
CA ARG D 14 -12.44 2.88 -1.81
C ARG D 14 -12.70 1.89 -0.69
N ALA D 15 -13.58 2.26 0.27
CA ALA D 15 -13.98 1.34 1.33
C ALA D 15 -14.65 0.09 0.75
N ALA D 16 -15.65 0.29 -0.09
CA ALA D 16 -16.36 -0.82 -0.72
C ALA D 16 -15.45 -1.72 -1.55
N LEU D 17 -14.64 -1.11 -2.44
CA LEU D 17 -13.82 -1.91 -3.31
C LEU D 17 -12.74 -2.64 -2.54
N GLN D 18 -12.29 -2.07 -1.45
CA GLN D 18 -11.32 -2.77 -0.63
C GLN D 18 -11.95 -4.04 -0.04
N SER D 19 -13.19 -3.92 0.44
CA SER D 19 -13.91 -5.08 0.96
C SER D 19 -14.18 -6.06 -0.12
N LEU D 20 -14.52 -5.59 -1.31
CA LEU D 20 -14.81 -6.52 -2.41
C LEU D 20 -13.55 -7.25 -2.88
N GLU D 21 -12.43 -6.53 -2.94
CA GLU D 21 -11.14 -7.14 -3.23
C GLU D 21 -10.83 -8.27 -2.28
N ALA D 22 -10.98 -8.04 -0.98
CA ALA D 22 -10.71 -9.10 0.00
C ALA D 22 -11.57 -10.31 -0.20
N GLU D 23 -12.85 -10.10 -0.49
CA GLU D 23 -13.77 -11.25 -0.64
C GLU D 23 -13.49 -12.06 -1.89
N ILE D 24 -13.16 -11.35 -2.96
CA ILE D 24 -12.77 -12.00 -4.19
C ILE D 24 -11.52 -12.85 -3.88
N MET D 25 -10.50 -12.25 -3.29
CA MET D 25 -9.24 -12.92 -3.00
C MET D 25 -9.40 -14.18 -2.11
N TYR D 26 -10.17 -14.08 -1.05
CA TYR D 26 -10.43 -15.23 -0.20
C TYR D 26 -11.26 -16.33 -0.88
N GLY D 27 -11.89 -16.01 -2.00
CA GLY D 27 -12.42 -17.07 -2.89
C GLY D 27 -13.71 -17.83 -2.51
N HIS D 28 -14.38 -17.47 -1.41
CA HIS D 28 -15.51 -18.28 -0.90
C HIS D 28 -16.87 -17.51 -0.78
N THR D 29 -16.95 -16.18 -0.84
CA THR D 29 -18.21 -15.56 -0.89
C THR D 29 -18.56 -15.35 -2.36
N PRO D 30 -19.75 -15.82 -2.79
CA PRO D 30 -20.13 -15.44 -4.17
C PRO D 30 -20.19 -13.91 -4.35
N LEU D 31 -19.81 -13.48 -5.53
CA LEU D 31 -19.72 -12.08 -5.82
C LEU D 31 -21.05 -11.29 -5.66
N HIS D 32 -22.13 -11.92 -6.07
CA HIS D 32 -23.40 -11.29 -5.87
C HIS D 32 -23.70 -11.04 -4.36
N THR D 33 -23.36 -12.00 -3.51
CA THR D 33 -23.59 -11.86 -2.07
C THR D 33 -22.67 -10.79 -1.47
N ALA D 34 -21.41 -10.79 -1.87
CA ALA D 34 -20.48 -9.80 -1.38
C ALA D 34 -20.92 -8.38 -1.71
N SER D 35 -21.38 -8.20 -2.93
CA SER D 35 -21.82 -6.90 -3.35
C SER D 35 -23.07 -6.47 -2.62
N GLN D 36 -24.00 -7.40 -2.42
CA GLN D 36 -25.25 -7.05 -1.75
C GLN D 36 -24.89 -6.66 -0.31
N GLN D 37 -23.95 -7.36 0.31
CA GLN D 37 -23.59 -7.05 1.75
C GLN D 37 -23.04 -5.69 1.88
N ILE D 38 -22.27 -5.30 0.89
CA ILE D 38 -21.71 -3.95 0.88
C ILE D 38 -22.78 -2.94 0.63
N ALA D 39 -23.64 -3.21 -0.32
CA ALA D 39 -24.77 -2.32 -0.59
C ALA D 39 -25.52 -1.97 0.72
N LYS D 40 -25.77 -2.97 1.56
CA LYS D 40 -26.60 -2.78 2.76
C LYS D 40 -25.92 -1.82 3.74
N GLN D 41 -24.60 -1.73 3.67
CA GLN D 41 -23.81 -0.91 4.56
C GLN D 41 -23.17 0.35 3.90
N LEU D 42 -23.76 0.85 2.82
CA LEU D 42 -23.44 2.15 2.29
C LEU D 42 -24.66 3.01 2.14
N ALA D 43 -24.46 4.29 2.30
CA ALA D 43 -25.50 5.28 2.02
C ALA D 43 -25.63 5.44 0.52
N GLN D 44 -26.74 5.99 0.14
CA GLN D 44 -27.03 6.38 -1.25
C GLN D 44 -26.28 7.66 -1.56
N PRO D 45 -25.85 7.88 -2.80
CA PRO D 45 -26.22 7.06 -4.00
C PRO D 45 -25.27 5.91 -4.33
N VAL D 46 -24.10 5.87 -3.67
CA VAL D 46 -23.09 4.85 -4.01
C VAL D 46 -23.61 3.44 -3.77
N SER D 47 -24.36 3.25 -2.67
CA SER D 47 -24.98 1.96 -2.38
C SER D 47 -25.58 1.29 -3.59
N THR D 48 -26.27 2.06 -4.40
CA THR D 48 -26.98 1.50 -5.57
C THR D 48 -26.07 0.88 -6.63
N LEU D 49 -24.85 1.37 -6.74
CA LEU D 49 -23.92 0.74 -7.63
C LEU D 49 -23.76 -0.72 -7.27
N PHE D 50 -23.69 -1.00 -5.99
CA PHE D 50 -23.44 -2.32 -5.50
C PHE D 50 -24.67 -3.21 -5.51
N SER D 51 -25.86 -2.66 -5.21
CA SER D 51 -27.09 -3.46 -5.26
C SER D 51 -27.48 -3.73 -6.70
N ALA D 52 -27.27 -2.77 -7.60
CA ALA D 52 -27.45 -3.03 -9.03
C ALA D 52 -26.51 -4.10 -9.57
N PHE D 53 -25.24 -4.10 -9.14
CA PHE D 53 -24.26 -5.06 -9.60
C PHE D 53 -24.71 -6.44 -9.14
N SER D 54 -25.15 -6.52 -7.91
CA SER D 54 -25.66 -7.75 -7.35
C SER D 54 -26.85 -8.28 -8.16
N ASP D 55 -27.83 -7.45 -8.41
CA ASP D 55 -28.97 -7.84 -9.23
C ASP D 55 -28.53 -8.34 -10.62
N GLN D 56 -27.60 -7.66 -11.23
CA GLN D 56 -27.28 -7.96 -12.58
C GLN D 56 -26.54 -9.26 -12.64
N LEU D 57 -25.66 -9.50 -11.67
CA LEU D 57 -25.06 -10.83 -11.51
C LEU D 57 -26.07 -11.93 -11.30
N ASP D 58 -27.08 -11.69 -10.49
CA ASP D 58 -28.16 -12.66 -10.31
C ASP D 58 -28.95 -12.94 -11.54
N LYS D 59 -29.18 -11.93 -12.35
CA LYS D 59 -29.79 -12.19 -13.68
C LYS D 59 -29.02 -13.28 -14.41
N GLY D 60 -27.73 -13.39 -14.09
CA GLY D 60 -26.91 -14.49 -14.51
C GLY D 60 -26.37 -14.49 -16.00
N SER D 61 -26.97 -13.72 -16.89
CA SER D 61 -26.59 -13.86 -18.35
C SER D 61 -25.11 -13.40 -18.62
N ASP D 62 -24.85 -12.28 -17.97
CA ASP D 62 -23.65 -11.48 -18.05
C ASP D 62 -22.45 -11.94 -17.25
N SER D 63 -21.27 -11.82 -17.83
CA SER D 63 -20.01 -11.94 -17.00
C SER D 63 -19.97 -10.88 -15.93
N ALA D 64 -19.17 -11.08 -14.92
CA ALA D 64 -19.05 -10.06 -13.86
C ALA D 64 -18.64 -8.70 -14.43
N LYS D 65 -17.71 -8.77 -15.34
CA LYS D 65 -17.21 -7.60 -16.01
C LYS D 65 -18.29 -6.83 -16.75
N THR D 66 -19.16 -7.54 -17.49
CA THR D 66 -20.25 -6.87 -18.22
C THR D 66 -21.28 -6.35 -17.22
N ALA D 67 -21.63 -7.14 -16.18
CA ALA D 67 -22.57 -6.69 -15.14
C ALA D 67 -22.12 -5.42 -14.48
N TRP D 68 -20.81 -5.36 -14.18
CA TRP D 68 -20.24 -4.17 -13.54
C TRP D 68 -20.38 -2.92 -14.44
N GLU D 69 -19.99 -3.07 -15.71
CA GLU D 69 -20.09 -1.97 -16.70
C GLU D 69 -21.49 -1.44 -16.83
N GLN D 70 -22.44 -2.36 -16.93
CA GLN D 70 -23.86 -2.01 -17.02
C GLN D 70 -24.35 -1.28 -15.77
N SER D 71 -23.96 -1.75 -14.58
CA SER D 71 -24.42 -1.14 -13.35
C SER D 71 -23.82 0.25 -13.22
N LEU D 72 -22.59 0.36 -13.62
CA LEU D 72 -21.92 1.61 -13.57
C LEU D 72 -22.59 2.73 -14.45
N LYS D 73 -22.93 2.40 -15.70
CA LYS D 73 -23.69 3.30 -16.59
C LYS D 73 -25.10 3.62 -16.07
N LYS D 74 -25.78 2.62 -15.53
CA LYS D 74 -27.09 2.80 -14.94
C LYS D 74 -27.06 3.80 -13.75
N VAL D 75 -26.05 3.78 -12.88
CA VAL D 75 -26.08 4.64 -11.67
C VAL D 75 -25.32 5.91 -11.85
N TRP D 76 -24.52 5.96 -12.90
CA TRP D 76 -23.57 7.04 -13.05
C TRP D 76 -24.11 8.42 -12.75
N ASP D 77 -25.27 8.76 -13.30
CA ASP D 77 -25.78 10.15 -13.21
C ASP D 77 -26.26 10.49 -11.80
N THR D 78 -26.49 9.49 -10.97
CA THR D 78 -26.81 9.79 -9.59
C THR D 78 -25.55 10.15 -8.76
N LEU D 79 -24.36 9.84 -9.26
CA LEU D 79 -23.14 10.08 -8.50
C LEU D 79 -22.64 11.51 -8.79
N SER D 80 -21.61 11.94 -8.07
CA SER D 80 -21.03 13.26 -8.18
C SER D 80 -19.53 13.17 -8.56
N LEU D 81 -19.23 12.32 -9.54
CA LEU D 81 -17.86 12.01 -9.91
C LEU D 81 -17.49 12.55 -11.30
N LYS D 82 -16.20 12.65 -11.59
CA LYS D 82 -15.71 13.09 -12.89
C LYS D 82 -15.42 11.90 -13.77
N LYS D 83 -15.19 12.18 -15.04
CA LYS D 83 -14.89 11.16 -16.05
C LYS D 83 -13.66 10.28 -15.68
N SER D 84 -12.65 10.88 -15.09
CA SER D 84 -11.54 10.15 -14.59
C SER D 84 -11.97 9.01 -13.66
N GLU D 85 -12.91 9.26 -12.73
CA GLU D 85 -13.40 8.21 -11.85
C GLU D 85 -14.16 7.12 -12.64
N TYR D 86 -14.92 7.53 -13.66
CA TYR D 86 -15.62 6.62 -14.52
C TYR D 86 -14.66 5.64 -15.16
N GLU D 87 -13.55 6.16 -15.68
CA GLU D 87 -12.58 5.32 -16.33
C GLU D 87 -11.90 4.39 -15.38
N VAL D 88 -11.57 4.87 -14.20
CA VAL D 88 -11.03 3.97 -13.21
C VAL D 88 -12.03 2.86 -12.87
N LEU D 89 -13.27 3.23 -12.63
CA LEU D 89 -14.29 2.24 -12.28
C LEU D 89 -14.56 1.24 -13.42
N LYS D 90 -14.46 1.70 -14.65
CA LYS D 90 -14.53 0.83 -15.81
C LYS D 90 -13.34 -0.14 -15.81
N GLN D 91 -12.13 0.34 -15.56
CA GLN D 91 -10.95 -0.57 -15.47
C GLN D 91 -11.15 -1.61 -14.38
N PHE D 92 -11.77 -1.20 -13.29
CA PHE D 92 -12.03 -2.18 -12.26
C PHE D 92 -12.98 -3.32 -12.79
N GLY D 93 -14.00 -2.97 -13.54
CA GLY D 93 -14.78 -4.00 -14.24
C GLY D 93 -13.93 -4.94 -15.09
N GLU D 94 -13.02 -4.40 -15.88
CA GLU D 94 -12.17 -5.22 -16.76
C GLU D 94 -11.42 -6.23 -15.95
N THR D 95 -10.98 -5.78 -14.80
CA THR D 95 -10.22 -6.59 -13.86
C THR D 95 -10.97 -7.81 -13.37
N LEU D 96 -12.31 -7.77 -13.37
CA LEU D 96 -13.09 -8.89 -12.87
C LEU D 96 -13.06 -10.04 -13.80
N GLY D 97 -12.72 -9.75 -15.05
CA GLY D 97 -12.51 -10.76 -16.07
C GLY D 97 -11.10 -11.34 -16.19
N ILE D 98 -10.16 -10.95 -15.31
CA ILE D 98 -8.80 -11.51 -15.28
C ILE D 98 -8.79 -12.89 -14.56
N HIS D 99 -8.34 -13.93 -15.30
CA HIS D 99 -8.12 -15.38 -14.98
C HIS D 99 -7.08 -15.61 -13.88
N ASP D 100 -5.93 -15.03 -14.10
CA ASP D 100 -4.79 -15.20 -13.21
C ASP D 100 -5.06 -14.52 -11.88
N ARG D 101 -4.98 -15.25 -10.77
CA ARG D 101 -5.35 -14.69 -9.44
C ARG D 101 -4.52 -13.52 -9.01
N ILE D 102 -3.21 -13.62 -9.20
CA ILE D 102 -2.27 -12.63 -8.72
C ILE D 102 -2.38 -11.36 -9.55
N SER D 103 -2.50 -11.53 -10.86
CA SER D 103 -2.66 -10.42 -11.76
C SER D 103 -3.95 -9.66 -11.48
N GLN D 104 -5.02 -10.40 -11.21
CA GLN D 104 -6.28 -9.76 -10.92
C GLN D 104 -6.13 -8.90 -9.67
N GLN D 105 -5.60 -9.52 -8.63
CA GLN D 105 -5.35 -8.86 -7.37
C GLN D 105 -4.54 -7.54 -7.53
N LYS D 106 -3.50 -7.57 -8.34
CA LYS D 106 -2.67 -6.40 -8.57
C LYS D 106 -3.37 -5.33 -9.38
N HIS D 107 -4.16 -5.73 -10.36
CA HIS D 107 -4.99 -4.75 -11.08
C HIS D 107 -6.14 -4.15 -10.25
N ILE D 108 -6.65 -4.92 -9.32
CA ILE D 108 -7.58 -4.35 -8.32
C ILE D 108 -6.90 -3.34 -7.43
N LYS D 109 -5.72 -3.71 -6.94
CA LYS D 109 -4.92 -2.75 -6.16
C LYS D 109 -4.67 -1.43 -6.96
N LEU D 110 -4.38 -1.53 -8.26
CA LEU D 110 -4.18 -0.35 -9.11
C LEU D 110 -5.39 0.57 -9.18
N ALA D 111 -6.56 -0.02 -9.36
CA ALA D 111 -7.80 0.74 -9.26
C ALA D 111 -7.96 1.45 -7.93
N LEU D 112 -7.74 0.75 -6.82
CA LEU D 112 -7.81 1.37 -5.52
C LEU D 112 -6.84 2.51 -5.35
N THR D 113 -5.58 2.32 -5.77
CA THR D 113 -4.56 3.38 -5.64
C THR D 113 -4.90 4.52 -6.53
N HIS D 114 -5.46 4.25 -7.68
CA HIS D 114 -5.92 5.38 -8.53
C HIS D 114 -6.97 6.24 -7.82
N LEU D 115 -7.91 5.56 -7.16
CA LEU D 115 -8.94 6.28 -6.41
C LEU D 115 -8.34 7.10 -5.28
N GLU D 116 -7.38 6.54 -4.60
CA GLU D 116 -6.76 7.24 -3.51
C GLU D 116 -6.15 8.53 -4.01
N ALA D 117 -5.57 8.46 -5.19
CA ALA D 117 -4.91 9.59 -5.82
C ALA D 117 -5.97 10.61 -6.21
N SER D 118 -7.05 10.14 -6.85
CA SER D 118 -8.17 11.05 -7.16
C SER D 118 -8.80 11.69 -5.89
N GLU D 119 -8.94 10.93 -4.82
CA GLU D 119 -9.48 11.46 -3.60
C GLU D 119 -8.60 12.59 -3.12
N ALA D 120 -7.28 12.44 -3.18
CA ALA D 120 -6.37 13.54 -2.77
C ALA D 120 -6.51 14.80 -3.66
N ASP D 121 -6.69 14.59 -4.99
CA ASP D 121 -6.93 15.66 -5.94
C ASP D 121 -8.21 16.39 -5.58
N ALA D 122 -9.28 15.63 -5.37
CA ALA D 122 -10.57 16.21 -5.09
C ALA D 122 -10.54 16.98 -3.80
N GLU D 123 -9.82 16.48 -2.78
CA GLU D 123 -9.65 17.22 -1.54
C GLU D 123 -8.84 18.51 -1.70
N GLN D 124 -7.82 18.44 -2.56
CA GLN D 124 -7.00 19.61 -2.89
C GLN D 124 -7.83 20.69 -3.62
N ALA D 125 -8.62 20.30 -4.62
CA ALA D 125 -9.56 21.22 -5.30
C ALA D 125 -10.50 21.94 -4.32
N GLN D 126 -11.11 21.15 -3.43
CA GLN D 126 -11.98 21.63 -2.34
C GLN D 126 -11.26 22.72 -1.50
N ALA D 127 -9.96 22.57 -1.21
CA ALA D 127 -9.19 23.46 -0.30
C ALA D 127 -8.92 24.89 -0.86
#